data_1SLY
#
_entry.id   1SLY
#
_cell.length_a   80.310
_cell.length_b   88.470
_cell.length_c   133.060
_cell.angle_alpha   90.00
_cell.angle_beta   90.00
_cell.angle_gamma   90.00
#
_symmetry.space_group_name_H-M   'P 21 21 21'
#
loop_
_entity.id
_entity.type
_entity.pdbx_description
1 polymer '70-KDA SOLUBLE LYTIC TRANSGLYCOSYLASE'
2 non-polymer 4-O-(4-O-SULFONYL-N-ACETYLGLUCOSAMININYL)-5-METHYLHYDROXY-L-PROLINE-TAURINE
#
_entity_poly.entity_id   1
_entity_poly.type   'polypeptide(L)'
_entity_poly.pdbx_seq_one_letter_code
;DSLDEQRSRYAQIKQAWDNRQMDVVEQMMPGLKDYPLYPYLEYRQITDDLMNQPAVTVTNFVRANPTLPPARTLQSRFVN
ELARREDWRGLLAFSPEKPGTTEAQCNYYYAKWNTGQSEEAWQGAKELWLTGKSQPNACDKLFSVWRASGKQDPLAYLER
IRLAMKAGNTGLVTVLAGQMPADYQTIASAIISLANNPNTVLTFARTTGATDFTRQMAAVAFASVARQDAENARLMIPSL
AQAQQLNEDQIQELRDIVAWRLMGNDVTDEQAKWRDDAIMRSQSTSLIERRVRMALGTGDRRGLNTWLARLPMEAKEKDE
WRYWQADLLLERGREAEAKEILHQLMQQRGFYPMVAAQRIGEEYELKIDKAPQNVDSALTQGPEMARVRELMYWNLDNTA
RSEWANLVKSKSKTEQAQLARYAFNNQWWDLSVQATIAGKLWDHLEERFPLAYNDLFKRYTSGKEIPQSYAMAIARQESA
WNPKVKSPVGASGLMQIMPGTATHTVKMFSIPGYSSPGQLLDPETNINIGTSYLQYVYQQFGNNRIFSSAAYNAGLGRVR
TWLGNSAGRIDAVAFVESIPFSETRGYVKNVLAYDAYYRYFMGDKPTLMSATEWGRRY
;
_entity_poly.pdbx_strand_id   A
#
# COMPACT_ATOMS: atom_id res chain seq x y z
N ASP A 1 -40.10 3.15 -23.56
CA ASP A 1 -38.68 3.39 -23.12
C ASP A 1 -37.91 2.10 -22.78
N SER A 2 -36.60 2.12 -22.57
CA SER A 2 -35.82 0.89 -22.36
C SER A 2 -34.42 1.21 -21.87
N LEU A 3 -33.66 0.24 -21.38
CA LEU A 3 -32.32 0.53 -20.91
C LEU A 3 -31.37 1.13 -21.93
N ASP A 4 -31.44 0.64 -23.17
CA ASP A 4 -30.66 1.20 -24.30
C ASP A 4 -30.98 2.68 -24.59
N GLU A 5 -32.25 3.05 -24.70
CA GLU A 5 -32.63 4.48 -24.81
C GLU A 5 -32.10 5.32 -23.66
N GLN A 6 -32.27 4.78 -22.45
CA GLN A 6 -31.74 5.39 -21.22
C GLN A 6 -30.23 5.62 -21.25
N ARG A 7 -29.42 4.71 -21.81
CA ARG A 7 -27.98 4.95 -21.98
C ARG A 7 -27.62 6.11 -22.93
N SER A 8 -28.23 6.20 -24.14
CA SER A 8 -28.02 7.43 -24.95
C SER A 8 -28.43 8.68 -24.18
N ARG A 9 -29.61 8.74 -23.51
CA ARG A 9 -29.95 10.00 -22.83
C ARG A 9 -28.99 10.34 -21.69
N TYR A 10 -28.36 9.32 -21.12
CA TYR A 10 -27.39 9.53 -20.04
C TYR A 10 -26.10 10.15 -20.57
N ALA A 11 -25.62 9.59 -21.67
CA ALA A 11 -24.43 10.10 -22.36
C ALA A 11 -24.64 11.55 -22.86
N GLN A 12 -25.78 11.75 -23.52
CA GLN A 12 -26.25 13.04 -24.00
C GLN A 12 -26.45 13.98 -22.84
N ILE A 13 -27.05 13.59 -21.72
CA ILE A 13 -27.22 14.55 -20.63
C ILE A 13 -25.88 14.88 -20.01
N LYS A 14 -24.94 13.94 -19.89
CA LYS A 14 -23.62 14.30 -19.39
C LYS A 14 -22.89 15.26 -20.32
N GLN A 15 -22.98 15.17 -21.67
CA GLN A 15 -22.32 16.15 -22.58
C GLN A 15 -22.78 17.59 -22.29
N ALA A 16 -24.09 17.82 -22.35
CA ALA A 16 -24.70 19.13 -22.08
C ALA A 16 -24.36 19.67 -20.68
N TRP A 17 -24.40 18.79 -19.69
CA TRP A 17 -24.04 19.16 -18.36
C TRP A 17 -22.59 19.54 -18.36
N ASP A 18 -21.64 18.81 -18.92
CA ASP A 18 -20.24 19.27 -18.91
C ASP A 18 -20.09 20.62 -19.66
N ASN A 19 -20.70 20.83 -20.83
CA ASN A 19 -20.68 22.13 -21.57
C ASN A 19 -21.52 23.27 -20.94
N ARG A 20 -22.04 23.03 -19.75
CA ARG A 20 -22.99 23.88 -19.02
C ARG A 20 -24.32 24.21 -19.70
N GLN A 21 -24.84 23.47 -20.67
CA GLN A 21 -26.16 23.78 -21.23
C GLN A 21 -27.28 23.30 -20.31
N MET A 22 -27.45 24.08 -19.25
CA MET A 22 -28.36 23.72 -18.17
C MET A 22 -29.84 23.63 -18.53
N ASP A 23 -30.32 24.40 -19.50
CA ASP A 23 -31.68 24.25 -20.08
C ASP A 23 -31.99 22.88 -20.70
N VAL A 24 -30.98 22.27 -21.32
CA VAL A 24 -31.10 20.91 -21.88
C VAL A 24 -31.08 19.90 -20.69
N VAL A 25 -30.24 20.09 -19.65
CA VAL A 25 -30.17 19.19 -18.46
C VAL A 25 -31.49 19.16 -17.71
N GLU A 26 -31.94 20.38 -17.41
CA GLU A 26 -33.24 20.66 -16.83
C GLU A 26 -34.34 19.84 -17.53
N GLN A 27 -34.51 20.02 -18.83
CA GLN A 27 -35.44 19.20 -19.62
C GLN A 27 -35.34 17.66 -19.50
N MET A 28 -34.08 17.24 -19.55
CA MET A 28 -33.74 15.82 -19.69
C MET A 28 -33.72 14.89 -18.49
N MET A 29 -33.40 15.42 -17.31
CA MET A 29 -33.32 14.63 -16.08
C MET A 29 -34.48 13.77 -15.56
N PRO A 30 -35.72 14.29 -15.49
CA PRO A 30 -36.91 13.56 -15.03
C PRO A 30 -37.20 12.31 -15.86
N GLY A 31 -36.70 12.28 -17.09
CA GLY A 31 -36.87 11.10 -17.93
C GLY A 31 -35.93 9.94 -17.54
N LEU A 32 -34.79 10.37 -17.01
CA LEU A 32 -33.75 9.45 -16.55
C LEU A 32 -34.00 8.92 -15.14
N LYS A 33 -35.17 9.28 -14.58
CA LYS A 33 -35.66 8.79 -13.29
C LYS A 33 -35.51 7.29 -12.99
N ASP A 34 -35.66 6.47 -14.03
CA ASP A 34 -35.56 5.00 -13.94
C ASP A 34 -34.26 4.34 -14.45
N TYR A 35 -33.26 5.15 -14.77
CA TYR A 35 -31.96 4.62 -15.16
C TYR A 35 -31.21 4.31 -13.85
N PRO A 36 -30.56 3.15 -13.67
CA PRO A 36 -29.75 2.81 -12.50
C PRO A 36 -28.88 3.88 -11.89
N LEU A 37 -28.23 4.64 -12.75
CA LEU A 37 -27.33 5.69 -12.33
C LEU A 37 -27.98 7.05 -12.05
N TYR A 38 -29.31 7.21 -12.03
CA TYR A 38 -29.93 8.51 -11.68
C TYR A 38 -29.49 9.07 -10.31
N PRO A 39 -29.24 8.36 -9.17
CA PRO A 39 -28.67 8.95 -7.93
C PRO A 39 -27.45 9.80 -8.19
N TYR A 40 -26.58 9.37 -9.11
CA TYR A 40 -25.37 10.17 -9.47
C TYR A 40 -25.62 11.55 -10.12
N LEU A 41 -26.66 11.61 -10.95
CA LEU A 41 -27.07 12.86 -11.54
C LEU A 41 -27.72 13.74 -10.46
N GLU A 42 -28.52 13.16 -9.56
CA GLU A 42 -29.03 13.92 -8.39
C GLU A 42 -27.88 14.44 -7.49
N TYR A 43 -26.93 13.58 -7.13
CA TYR A 43 -25.70 13.94 -6.41
C TYR A 43 -24.90 15.08 -7.09
N ARG A 44 -24.81 15.02 -8.41
CA ARG A 44 -24.17 16.07 -9.20
C ARG A 44 -24.96 17.38 -9.06
N GLN A 45 -26.28 17.37 -9.24
CA GLN A 45 -27.09 18.58 -9.09
C GLN A 45 -26.95 19.25 -7.72
N ILE A 46 -26.99 18.43 -6.65
CA ILE A 46 -26.84 18.85 -5.25
C ILE A 46 -25.44 19.39 -4.94
N THR A 47 -24.39 18.66 -5.29
CA THR A 47 -23.05 19.21 -5.07
C THR A 47 -22.78 20.40 -5.97
N ASP A 48 -23.49 20.58 -7.07
CA ASP A 48 -23.29 21.77 -7.91
C ASP A 48 -23.68 23.07 -7.21
N ASP A 49 -24.77 23.20 -6.45
CA ASP A 49 -24.90 24.43 -5.66
C ASP A 49 -25.10 24.09 -4.18
N LEU A 50 -24.00 23.55 -3.67
CA LEU A 50 -24.00 23.10 -2.28
C LEU A 50 -24.05 24.26 -1.28
N MET A 51 -23.36 25.36 -1.59
CA MET A 51 -23.33 26.52 -0.69
C MET A 51 -24.67 27.20 -0.38
N ASN A 52 -25.67 26.86 -1.20
CA ASN A 52 -27.03 27.32 -0.93
C ASN A 52 -28.01 26.25 -1.31
N GLN A 53 -27.79 25.17 -0.61
CA GLN A 53 -28.61 23.98 -0.66
C GLN A 53 -29.19 23.82 0.75
N PRO A 54 -30.45 23.49 1.01
CA PRO A 54 -30.98 23.31 2.37
C PRO A 54 -30.82 21.91 2.94
N ALA A 55 -30.59 21.82 4.23
CA ALA A 55 -30.43 20.54 4.92
C ALA A 55 -31.54 19.51 4.61
N VAL A 56 -32.76 19.97 4.37
CA VAL A 56 -33.88 19.10 4.00
C VAL A 56 -33.59 18.29 2.75
N THR A 57 -33.06 18.97 1.73
CA THR A 57 -32.78 18.32 0.44
C THR A 57 -31.65 17.32 0.56
N VAL A 58 -30.57 17.74 1.22
CA VAL A 58 -29.46 16.82 1.38
C VAL A 58 -29.92 15.62 2.24
N THR A 59 -30.57 15.89 3.37
CA THR A 59 -31.10 14.81 4.24
C THR A 59 -32.01 13.83 3.53
N ASN A 60 -32.86 14.26 2.61
CA ASN A 60 -33.65 13.28 1.86
C ASN A 60 -32.82 12.54 0.82
N PHE A 61 -31.81 13.13 0.18
CA PHE A 61 -30.95 12.38 -0.77
C PHE A 61 -30.30 11.22 -0.03
N VAL A 62 -29.66 11.57 1.07
CA VAL A 62 -28.97 10.54 1.85
C VAL A 62 -29.94 9.43 2.34
N ARG A 63 -31.08 9.80 2.88
CA ARG A 63 -32.12 8.90 3.38
C ARG A 63 -32.63 7.92 2.31
N ALA A 64 -32.86 8.34 1.09
CA ALA A 64 -33.34 7.39 0.07
C ALA A 64 -32.25 6.50 -0.51
N ASN A 65 -31.01 6.94 -0.33
CA ASN A 65 -29.85 6.34 -0.98
C ASN A 65 -28.77 5.81 -0.03
N PRO A 66 -29.06 4.78 0.80
CA PRO A 66 -28.12 4.18 1.76
C PRO A 66 -26.96 3.37 1.17
N THR A 67 -27.21 2.52 0.18
CA THR A 67 -26.16 1.72 -0.46
C THR A 67 -25.25 2.45 -1.44
N LEU A 68 -25.53 3.73 -1.62
CA LEU A 68 -24.79 4.50 -2.60
C LEU A 68 -23.56 5.24 -2.05
N PRO A 69 -22.36 4.83 -2.51
CA PRO A 69 -21.09 5.41 -2.08
C PRO A 69 -21.05 6.95 -2.00
N PRO A 70 -21.45 7.81 -2.98
CA PRO A 70 -21.45 9.28 -2.83
C PRO A 70 -22.41 9.87 -1.81
N ALA A 71 -23.42 9.12 -1.33
CA ALA A 71 -24.34 9.60 -0.30
C ALA A 71 -23.59 9.78 1.01
N ARG A 72 -22.69 8.84 1.32
CA ARG A 72 -21.82 8.96 2.51
C ARG A 72 -20.81 10.12 2.50
N THR A 73 -20.16 10.34 1.36
CA THR A 73 -19.29 11.51 1.12
C THR A 73 -20.12 12.79 1.27
N LEU A 74 -21.38 12.85 0.76
CA LEU A 74 -22.23 14.03 1.01
C LEU A 74 -22.47 14.27 2.52
N GLN A 75 -22.77 13.32 3.41
CA GLN A 75 -22.85 13.62 4.86
C GLN A 75 -21.68 14.42 5.41
N SER A 76 -20.50 13.87 5.19
CA SER A 76 -19.25 14.48 5.68
C SER A 76 -19.00 15.80 5.00
N ARG A 77 -19.45 15.91 3.79
CA ARG A 77 -19.29 17.15 3.05
C ARG A 77 -20.31 18.24 3.43
N PHE A 78 -21.56 17.87 3.68
CA PHE A 78 -22.54 18.87 4.04
C PHE A 78 -22.26 19.25 5.48
N VAL A 79 -21.84 18.37 6.38
CA VAL A 79 -21.39 18.75 7.74
C VAL A 79 -20.39 19.93 7.71
N ASN A 80 -19.36 19.85 6.87
CA ASN A 80 -18.41 20.96 6.77
C ASN A 80 -19.12 22.18 6.19
N GLU A 81 -20.08 22.07 5.23
CA GLU A 81 -20.84 23.25 4.74
C GLU A 81 -21.67 23.94 5.83
N LEU A 82 -22.41 23.18 6.66
CA LEU A 82 -23.11 23.76 7.81
C LEU A 82 -22.13 24.43 8.81
N ALA A 83 -20.94 23.84 8.97
CA ALA A 83 -19.84 24.45 9.76
C ALA A 83 -19.38 25.79 9.16
N ARG A 84 -19.23 25.93 7.83
CA ARG A 84 -18.89 27.19 7.10
C ARG A 84 -19.95 28.25 7.31
N ARG A 85 -21.18 27.74 7.31
CA ARG A 85 -22.35 28.56 7.56
C ARG A 85 -22.44 29.01 9.00
N GLU A 86 -21.77 28.28 9.90
CA GLU A 86 -21.82 28.43 11.36
C GLU A 86 -23.18 28.06 11.92
N ASP A 87 -23.84 27.16 11.24
CA ASP A 87 -25.09 26.65 11.71
C ASP A 87 -24.78 25.42 12.58
N TRP A 88 -24.26 25.64 13.78
CA TRP A 88 -23.98 24.52 14.72
C TRP A 88 -25.26 23.78 15.17
N ARG A 89 -26.41 24.46 15.36
CA ARG A 89 -27.66 23.74 15.64
C ARG A 89 -28.10 22.96 14.40
N GLY A 90 -27.80 23.34 13.17
CA GLY A 90 -28.21 22.55 11.99
C GLY A 90 -27.33 21.33 11.71
N LEU A 91 -26.01 21.50 11.85
CA LEU A 91 -25.06 20.39 11.76
C LEU A 91 -25.39 19.16 12.66
N LEU A 92 -25.68 19.33 13.96
CA LEU A 92 -26.04 18.21 14.88
C LEU A 92 -27.35 17.52 14.56
N ALA A 93 -28.30 18.31 14.07
CA ALA A 93 -29.57 17.76 13.58
C ALA A 93 -29.44 16.94 12.28
N PHE A 94 -28.52 17.39 11.43
CA PHE A 94 -28.14 16.72 10.18
C PHE A 94 -27.29 15.47 10.36
N SER A 95 -26.30 15.66 11.21
CA SER A 95 -25.33 14.63 11.57
C SER A 95 -25.31 14.46 13.08
N PRO A 96 -26.30 13.75 13.63
CA PRO A 96 -26.41 13.54 15.08
C PRO A 96 -25.32 12.67 15.73
N GLU A 97 -24.81 11.73 14.93
CA GLU A 97 -23.74 10.79 15.31
C GLU A 97 -22.42 11.21 14.67
N LYS A 98 -21.21 11.07 15.20
CA LYS A 98 -20.01 11.55 14.49
C LYS A 98 -19.90 11.14 13.02
N PRO A 99 -19.46 12.02 12.13
CA PRO A 99 -19.28 11.68 10.72
C PRO A 99 -18.00 10.88 10.45
N GLY A 100 -17.80 10.35 9.25
CA GLY A 100 -16.65 9.48 8.97
C GLY A 100 -15.30 10.15 8.69
N THR A 101 -15.39 11.38 8.27
CA THR A 101 -14.23 12.15 7.95
C THR A 101 -13.61 12.89 9.13
N THR A 102 -12.30 13.13 9.10
CA THR A 102 -11.59 13.84 10.17
C THR A 102 -11.96 15.30 10.21
N GLU A 103 -12.03 16.01 9.08
CA GLU A 103 -12.54 17.41 9.09
C GLU A 103 -13.96 17.44 9.65
N ALA A 104 -14.77 16.45 9.28
CA ALA A 104 -16.17 16.38 9.69
C ALA A 104 -16.29 16.20 11.18
N GLN A 105 -15.56 15.24 11.73
CA GLN A 105 -15.51 15.07 13.18
C GLN A 105 -15.00 16.28 13.94
N CYS A 106 -14.00 17.01 13.44
CA CYS A 106 -13.50 18.21 14.14
C CYS A 106 -14.60 19.24 14.29
N ASN A 107 -15.35 19.41 13.20
CA ASN A 107 -16.49 20.32 13.09
C ASN A 107 -17.63 19.84 13.96
N TYR A 108 -17.94 18.54 13.90
CA TYR A 108 -19.00 17.97 14.74
C TYR A 108 -18.74 18.15 16.23
N TYR A 109 -17.51 18.15 16.68
CA TYR A 109 -17.29 18.34 18.09
C TYR A 109 -17.23 19.83 18.41
N TYR A 110 -16.83 20.66 17.49
CA TYR A 110 -16.87 22.08 17.77
C TYR A 110 -18.36 22.53 17.85
N ALA A 111 -19.26 21.87 17.11
CA ALA A 111 -20.69 22.10 17.18
C ALA A 111 -21.23 21.72 18.55
N LYS A 112 -20.80 20.60 19.13
CA LYS A 112 -21.18 20.16 20.51
C LYS A 112 -20.80 21.22 21.53
N TRP A 113 -19.60 21.76 21.48
CA TRP A 113 -19.22 22.82 22.39
C TRP A 113 -20.07 24.09 22.15
N ASN A 114 -20.27 24.55 20.92
CA ASN A 114 -21.20 25.67 20.70
C ASN A 114 -22.64 25.37 21.15
N THR A 115 -23.16 24.14 21.15
CA THR A 115 -24.47 23.91 21.72
C THR A 115 -24.49 23.37 23.17
N GLY A 116 -23.53 23.80 23.99
CA GLY A 116 -23.45 23.42 25.42
C GLY A 116 -23.05 22.00 25.81
N GLN A 117 -22.76 21.03 24.94
CA GLN A 117 -22.34 19.65 25.29
C GLN A 117 -20.83 19.49 25.39
N SER A 118 -20.20 20.44 26.11
CA SER A 118 -18.76 20.54 26.41
C SER A 118 -18.02 19.26 26.76
N GLU A 119 -18.35 18.43 27.75
CA GLU A 119 -17.56 17.22 28.02
C GLU A 119 -17.50 16.25 26.82
N GLU A 120 -18.49 16.30 25.92
CA GLU A 120 -18.46 15.58 24.64
C GLU A 120 -17.40 16.16 23.69
N ALA A 121 -17.33 17.49 23.55
CA ALA A 121 -16.25 18.14 22.78
C ALA A 121 -14.85 17.72 23.25
N TRP A 122 -14.60 17.66 24.55
CA TRP A 122 -13.30 17.22 25.09
C TRP A 122 -13.03 15.73 24.98
N GLN A 123 -14.03 14.86 24.91
CA GLN A 123 -13.77 13.45 24.63
C GLN A 123 -13.35 13.38 23.15
N GLY A 124 -13.95 14.21 22.27
CA GLY A 124 -13.55 14.28 20.88
C GLY A 124 -12.21 14.98 20.64
N ALA A 125 -11.94 16.13 21.20
CA ALA A 125 -10.68 16.84 21.03
C ALA A 125 -9.48 16.00 21.49
N LYS A 126 -9.62 15.24 22.58
CA LYS A 126 -8.53 14.39 23.13
C LYS A 126 -8.21 13.32 22.12
N GLU A 127 -9.22 12.66 21.56
CA GLU A 127 -8.95 11.62 20.59
C GLU A 127 -8.56 12.09 19.20
N LEU A 128 -8.79 13.36 18.88
CA LEU A 128 -8.30 13.92 17.62
C LEU A 128 -6.90 14.49 17.85
N TRP A 129 -6.53 14.79 19.08
CA TRP A 129 -5.19 15.26 19.46
C TRP A 129 -4.10 14.18 19.57
N LEU A 130 -4.37 12.98 20.04
CA LEU A 130 -3.35 11.96 20.19
C LEU A 130 -2.94 11.32 18.87
N THR A 131 -2.10 12.11 18.18
CA THR A 131 -1.60 11.83 16.83
C THR A 131 -0.50 12.76 16.34
N GLY A 132 0.58 12.25 15.79
CA GLY A 132 1.64 13.14 15.29
C GLY A 132 1.45 13.58 13.85
N LYS A 133 0.39 13.03 13.25
CA LYS A 133 -0.06 13.41 11.92
C LYS A 133 -0.68 14.79 12.10
N SER A 134 -0.46 15.67 11.17
CA SER A 134 -1.13 16.96 11.21
C SER A 134 -2.61 16.82 10.85
N GLN A 135 -3.43 17.41 11.68
CA GLN A 135 -4.88 17.41 11.48
C GLN A 135 -5.44 18.53 10.59
N PRO A 136 -6.66 18.38 10.06
CA PRO A 136 -7.35 19.40 9.26
C PRO A 136 -7.33 20.83 9.79
N ASN A 137 -7.32 21.93 9.05
CA ASN A 137 -7.41 23.27 9.70
C ASN A 137 -8.63 23.43 10.65
N ALA A 138 -9.77 22.82 10.29
CA ALA A 138 -11.04 22.74 11.05
C ALA A 138 -10.89 22.49 12.54
N CYS A 139 -10.03 21.51 12.77
CA CYS A 139 -9.63 21.07 14.08
C CYS A 139 -8.97 22.13 14.95
N ASP A 140 -8.23 23.08 14.39
CA ASP A 140 -7.59 24.11 15.21
C ASP A 140 -8.50 24.96 16.09
N LYS A 141 -9.76 25.23 15.70
CA LYS A 141 -10.71 25.89 16.60
C LYS A 141 -11.22 25.01 17.76
N LEU A 142 -11.34 23.67 17.56
CA LEU A 142 -11.64 22.69 18.64
C LEU A 142 -10.55 22.77 19.72
N PHE A 143 -9.33 22.45 19.31
CA PHE A 143 -8.16 22.43 20.19
C PHE A 143 -7.90 23.75 20.90
N SER A 144 -8.25 24.91 20.38
CA SER A 144 -8.08 26.13 21.18
C SER A 144 -9.17 26.34 22.19
N VAL A 145 -10.43 25.95 21.94
CA VAL A 145 -11.42 26.19 22.99
C VAL A 145 -11.26 25.15 24.13
N TRP A 146 -10.85 23.92 23.77
CA TRP A 146 -10.41 22.83 24.68
C TRP A 146 -9.30 23.29 25.63
N ARG A 147 -8.13 23.56 25.09
CA ARG A 147 -7.01 24.13 25.84
C ARG A 147 -7.41 25.30 26.72
N ALA A 148 -8.22 26.21 26.20
CA ALA A 148 -8.63 27.40 26.96
C ALA A 148 -9.57 27.08 28.10
N SER A 149 -10.24 25.94 27.99
CA SER A 149 -11.13 25.46 29.02
C SER A 149 -10.39 24.98 30.24
N GLY A 150 -9.06 24.91 30.28
CA GLY A 150 -8.36 24.30 31.43
C GLY A 150 -8.50 22.78 31.47
N LYS A 151 -9.39 22.16 30.68
CA LYS A 151 -9.59 20.72 30.59
C LYS A 151 -8.58 19.94 29.74
N GLN A 152 -7.57 20.59 29.19
CA GLN A 152 -6.52 19.87 28.48
C GLN A 152 -5.36 19.48 29.40
N ASP A 153 -5.31 18.17 29.58
CA ASP A 153 -4.24 17.55 30.36
C ASP A 153 -2.84 17.81 29.78
N PRO A 154 -1.90 18.41 30.56
CA PRO A 154 -0.49 18.69 30.15
C PRO A 154 0.29 17.45 29.73
N LEU A 155 -0.06 16.28 30.22
CA LEU A 155 0.56 15.08 29.66
C LEU A 155 0.04 14.79 28.24
N ALA A 156 -1.27 14.99 27.97
CA ALA A 156 -1.86 14.83 26.61
C ALA A 156 -1.12 15.73 25.58
N TYR A 157 -0.70 16.89 26.04
CA TYR A 157 0.13 17.80 25.29
C TYR A 157 1.53 17.18 25.07
N LEU A 158 2.40 16.90 26.07
CA LEU A 158 3.71 16.28 25.82
C LEU A 158 3.64 15.03 24.94
N GLU A 159 2.63 14.20 25.12
CA GLU A 159 2.46 13.00 24.29
C GLU A 159 2.27 13.26 22.81
N ARG A 160 1.64 14.38 22.43
CA ARG A 160 1.52 14.75 21.04
C ARG A 160 2.92 15.17 20.53
N ILE A 161 3.80 15.85 21.27
CA ILE A 161 5.21 16.09 20.86
C ILE A 161 5.96 14.76 20.75
N ARG A 162 5.83 13.83 21.67
CA ARG A 162 6.35 12.47 21.56
C ARG A 162 5.83 11.83 20.27
N LEU A 163 4.55 11.87 19.95
CA LEU A 163 4.03 11.28 18.71
C LEU A 163 4.44 11.97 17.39
N ALA A 164 4.58 13.30 17.44
CA ALA A 164 4.95 14.09 16.27
C ALA A 164 6.40 13.80 15.87
N MET A 165 7.33 13.85 16.83
CA MET A 165 8.75 13.48 16.62
C MET A 165 8.84 12.04 16.11
N LYS A 166 8.25 11.03 16.74
CA LYS A 166 8.27 9.68 16.16
C LYS A 166 7.77 9.61 14.73
N ALA A 167 6.79 10.39 14.37
CA ALA A 167 6.24 10.36 13.03
C ALA A 167 7.04 11.22 12.04
N GLY A 168 8.14 11.84 12.47
CA GLY A 168 8.93 12.67 11.57
C GLY A 168 8.36 14.06 11.32
N ASN A 169 7.22 14.37 11.94
CA ASN A 169 6.58 15.67 11.82
C ASN A 169 7.25 16.76 12.66
N THR A 170 8.45 17.11 12.25
CA THR A 170 9.25 18.07 13.01
C THR A 170 8.66 19.44 13.06
N GLY A 171 7.70 19.67 12.17
CA GLY A 171 6.96 20.91 12.09
C GLY A 171 5.91 21.04 13.18
N LEU A 172 5.05 20.02 13.31
CA LEU A 172 4.14 19.96 14.44
C LEU A 172 4.95 20.02 15.76
N VAL A 173 6.08 19.32 15.92
CA VAL A 173 6.91 19.51 17.13
C VAL A 173 7.27 20.98 17.42
N THR A 174 7.71 21.74 16.42
CA THR A 174 8.08 23.13 16.62
C THR A 174 6.91 24.03 17.02
N VAL A 175 5.75 23.93 16.37
CA VAL A 175 4.58 24.75 16.76
C VAL A 175 4.14 24.39 18.21
N LEU A 176 3.99 23.07 18.44
CA LEU A 176 3.65 22.49 19.72
C LEU A 176 4.54 23.02 20.85
N ALA A 177 5.84 22.91 20.69
CA ALA A 177 6.81 23.37 21.69
C ALA A 177 6.82 24.87 21.80
N GLY A 178 6.44 25.50 20.68
CA GLY A 178 6.39 26.95 20.57
C GLY A 178 5.39 27.62 21.50
N GLN A 179 4.17 27.12 21.59
CA GLN A 179 3.27 27.64 22.63
C GLN A 179 2.87 26.50 23.59
N MET A 180 3.68 26.39 24.61
CA MET A 180 3.64 25.30 25.56
C MET A 180 3.09 25.53 26.95
N PRO A 181 2.30 24.60 27.52
CA PRO A 181 1.99 24.47 28.96
C PRO A 181 3.07 25.01 29.88
N ALA A 182 2.87 26.07 30.70
CA ALA A 182 3.91 26.63 31.60
C ALA A 182 4.67 25.67 32.56
N ASP A 183 4.02 24.59 32.96
CA ASP A 183 4.62 23.47 33.70
C ASP A 183 5.91 22.95 32.99
N TYR A 184 5.94 22.82 31.65
CA TYR A 184 7.13 22.37 30.92
C TYR A 184 7.93 23.45 30.21
N GLN A 185 7.61 24.74 30.37
CA GLN A 185 8.29 25.80 29.64
C GLN A 185 9.84 25.80 29.72
N THR A 186 10.50 25.17 30.69
CA THR A 186 11.99 25.13 30.64
C THR A 186 12.58 24.21 29.59
N ILE A 187 11.98 23.07 29.25
CA ILE A 187 12.53 22.26 28.15
C ILE A 187 12.01 22.70 26.77
N ALA A 188 11.30 23.81 26.57
CA ALA A 188 10.72 24.14 25.25
C ALA A 188 11.71 24.57 24.18
N SER A 189 12.77 25.30 24.52
CA SER A 189 13.83 25.58 23.54
C SER A 189 14.69 24.37 23.12
N ALA A 190 15.02 23.48 24.06
CA ALA A 190 15.71 22.22 23.76
C ALA A 190 14.94 21.36 22.75
N ILE A 191 13.63 21.20 22.93
CA ILE A 191 12.80 20.40 22.01
C ILE A 191 12.76 21.02 20.61
N ILE A 192 12.64 22.34 20.47
CA ILE A 192 12.68 22.99 19.14
C ILE A 192 14.05 22.73 18.47
N SER A 193 15.16 22.90 19.20
CA SER A 193 16.52 22.63 18.72
C SER A 193 16.72 21.22 18.21
N LEU A 194 16.34 20.24 19.01
CA LEU A 194 16.43 18.83 18.64
C LEU A 194 15.66 18.48 17.34
N ALA A 195 14.44 18.97 17.21
CA ALA A 195 13.62 18.74 16.01
C ALA A 195 14.21 19.39 14.74
N ASN A 196 14.73 20.61 14.90
CA ASN A 196 15.41 21.35 13.84
C ASN A 196 16.67 20.63 13.34
N ASN A 197 17.54 20.43 14.33
CA ASN A 197 18.86 19.85 14.20
C ASN A 197 19.06 18.70 15.21
N PRO A 198 18.85 17.44 14.81
CA PRO A 198 19.07 16.27 15.66
C PRO A 198 20.46 16.08 16.23
N ASN A 199 21.48 16.69 15.63
CA ASN A 199 22.84 16.46 16.13
C ASN A 199 23.08 17.06 17.51
N THR A 200 22.20 17.97 17.90
CA THR A 200 22.19 18.48 19.27
C THR A 200 21.83 17.44 20.36
N VAL A 201 21.28 16.27 19.99
CA VAL A 201 20.79 15.26 20.93
C VAL A 201 21.60 15.00 22.20
N LEU A 202 22.94 14.98 22.20
CA LEU A 202 23.70 14.74 23.44
C LEU A 202 23.52 15.90 24.44
N THR A 203 23.53 17.11 23.91
CA THR A 203 23.24 18.32 24.68
C THR A 203 21.83 18.25 25.27
N PHE A 204 20.81 17.88 24.50
CA PHE A 204 19.46 17.64 24.99
C PHE A 204 19.46 16.72 26.21
N ALA A 205 20.08 15.56 26.05
CA ALA A 205 20.28 14.53 27.09
C ALA A 205 20.95 14.97 28.41
N ARG A 206 22.01 15.77 28.22
CA ARG A 206 22.89 16.38 29.24
C ARG A 206 22.45 17.74 29.76
N THR A 207 21.19 18.07 29.59
CA THR A 207 20.67 19.43 29.85
C THR A 207 19.31 19.43 30.52
N THR A 208 18.53 18.49 30.04
CA THR A 208 17.21 18.32 30.56
C THR A 208 17.17 17.17 31.58
N GLY A 209 16.13 17.06 32.40
CA GLY A 209 15.99 15.89 33.26
C GLY A 209 15.63 14.62 32.48
N ALA A 210 16.35 13.54 32.69
CA ALA A 210 16.05 12.23 32.11
C ALA A 210 14.78 11.57 32.67
N THR A 211 13.73 11.91 31.94
CA THR A 211 12.41 11.30 32.12
C THR A 211 12.14 10.36 30.95
N ASP A 212 11.04 9.61 30.94
CA ASP A 212 10.75 8.73 29.80
C ASP A 212 10.39 9.46 28.50
N PHE A 213 9.98 10.71 28.68
CA PHE A 213 9.64 11.61 27.58
C PHE A 213 10.97 11.98 26.95
N THR A 214 11.80 12.75 27.63
CA THR A 214 13.16 13.11 27.16
C THR A 214 14.03 11.95 26.61
N ARG A 215 13.91 10.74 27.15
CA ARG A 215 14.60 9.57 26.59
C ARG A 215 14.02 9.18 25.24
N GLN A 216 12.70 9.14 25.07
CA GLN A 216 12.07 8.89 23.76
C GLN A 216 12.32 9.98 22.71
N MET A 217 12.32 11.24 23.13
CA MET A 217 12.74 12.34 22.26
C MET A 217 14.21 12.13 21.84
N ALA A 218 15.14 11.89 22.75
CA ALA A 218 16.54 11.67 22.42
C ALA A 218 16.76 10.43 21.55
N ALA A 219 16.00 9.35 21.74
CA ALA A 219 16.06 8.12 20.93
C ALA A 219 15.67 8.34 19.47
N VAL A 220 14.57 9.08 19.25
CA VAL A 220 14.14 9.38 17.88
C VAL A 220 15.21 10.30 17.24
N ALA A 221 15.72 11.32 17.92
CA ALA A 221 16.78 12.14 17.32
C ALA A 221 18.05 11.33 17.03
N PHE A 222 18.39 10.44 17.96
CA PHE A 222 19.52 9.53 17.80
C PHE A 222 19.28 8.75 16.51
N ALA A 223 18.09 8.24 16.28
CA ALA A 223 17.87 7.46 15.06
C ALA A 223 18.17 8.24 13.79
N SER A 224 17.92 9.53 13.89
CA SER A 224 18.26 10.45 12.80
C SER A 224 19.77 10.64 12.63
N VAL A 225 20.57 10.85 13.71
CA VAL A 225 22.05 10.96 13.54
C VAL A 225 22.63 9.62 13.00
N ALA A 226 22.20 8.43 13.42
CA ALA A 226 22.73 7.18 12.84
C ALA A 226 22.55 7.07 11.31
N ARG A 227 21.53 7.77 10.84
CA ARG A 227 21.17 7.85 9.43
C ARG A 227 22.04 8.86 8.71
N GLN A 228 22.52 9.87 9.42
CA GLN A 228 23.41 10.86 8.79
C GLN A 228 24.86 10.34 8.77
N ASP A 229 25.31 9.88 9.94
CA ASP A 229 26.63 9.28 10.15
C ASP A 229 26.62 8.09 11.14
N ALA A 230 26.50 6.84 10.70
CA ALA A 230 26.58 5.67 11.57
C ALA A 230 27.79 5.61 12.56
N GLU A 231 29.00 6.04 12.19
CA GLU A 231 30.10 6.15 13.16
C GLU A 231 29.88 7.18 14.28
N ASN A 232 29.31 8.35 13.97
CA ASN A 232 28.99 9.37 14.99
C ASN A 232 28.08 8.79 16.07
N ALA A 233 26.98 8.22 15.61
CA ALA A 233 26.01 7.60 16.49
C ALA A 233 26.60 6.44 17.27
N ARG A 234 27.41 5.58 16.64
CA ARG A 234 28.01 4.42 17.31
C ARG A 234 28.85 4.80 18.52
N LEU A 235 29.70 5.77 18.31
CA LEU A 235 30.54 6.30 19.38
C LEU A 235 29.82 7.21 20.39
N MET A 236 28.62 7.69 20.05
CA MET A 236 27.84 8.54 20.95
C MET A 236 27.08 7.75 22.02
N ILE A 237 26.80 6.46 21.80
CA ILE A 237 26.03 5.60 22.73
C ILE A 237 26.50 5.53 24.20
N PRO A 238 27.80 5.41 24.58
CA PRO A 238 28.25 5.50 25.99
C PRO A 238 27.92 6.81 26.73
N SER A 239 27.99 7.96 26.08
CA SER A 239 27.65 9.25 26.72
C SER A 239 26.14 9.41 26.94
N LEU A 240 25.39 9.05 25.90
CA LEU A 240 23.93 9.08 25.94
C LEU A 240 23.47 8.11 27.02
N ALA A 241 23.86 6.85 27.06
CA ALA A 241 23.46 5.94 28.16
C ALA A 241 23.76 6.46 29.58
N GLN A 242 24.83 7.23 29.70
CA GLN A 242 25.26 7.91 30.94
C GLN A 242 24.36 9.10 31.36
N ALA A 243 24.31 10.12 30.50
CA ALA A 243 23.47 11.33 30.63
C ALA A 243 22.01 11.07 31.01
N GLN A 244 21.46 10.01 30.45
CA GLN A 244 20.07 9.64 30.70
C GLN A 244 19.78 8.39 31.54
N GLN A 245 20.83 7.87 32.21
CA GLN A 245 20.68 6.72 33.09
C GLN A 245 19.89 5.61 32.40
N LEU A 246 20.41 5.25 31.24
CA LEU A 246 19.70 4.27 30.44
C LEU A 246 19.82 2.82 30.83
N ASN A 247 18.66 2.20 30.89
CA ASN A 247 18.62 0.80 31.24
C ASN A 247 19.18 -0.03 30.07
N GLU A 248 19.62 -1.22 30.38
CA GLU A 248 20.10 -2.15 29.37
C GLU A 248 19.18 -2.35 28.16
N ASP A 249 17.88 -2.56 28.30
CA ASP A 249 17.03 -2.77 27.12
C ASP A 249 16.93 -1.53 26.27
N GLN A 250 17.01 -0.38 26.92
CA GLN A 250 17.13 0.90 26.24
C GLN A 250 18.45 1.02 25.47
N ILE A 251 19.55 0.60 26.08
CA ILE A 251 20.83 0.64 25.38
C ILE A 251 20.81 -0.38 24.26
N GLN A 252 20.20 -1.56 24.34
CA GLN A 252 20.22 -2.49 23.21
C GLN A 252 19.53 -1.87 22.01
N GLU A 253 18.42 -1.15 22.24
CA GLU A 253 17.74 -0.43 21.16
C GLU A 253 18.67 0.60 20.50
N LEU A 254 19.44 1.45 21.19
CA LEU A 254 20.39 2.30 20.48
C LEU A 254 21.36 1.52 19.57
N ARG A 255 21.76 0.34 20.01
CA ARG A 255 22.66 -0.52 19.23
C ARG A 255 21.97 -1.01 17.98
N ASP A 256 20.72 -1.49 18.06
CA ASP A 256 19.98 -1.90 16.86
C ASP A 256 19.83 -0.74 15.89
N ILE A 257 19.46 0.46 16.36
CA ILE A 257 19.37 1.66 15.52
C ILE A 257 20.64 1.81 14.71
N VAL A 258 21.85 1.64 15.29
CA VAL A 258 23.15 1.74 14.56
C VAL A 258 23.49 0.49 13.71
N ALA A 259 23.14 -0.68 14.22
CA ALA A 259 23.38 -1.94 13.55
C ALA A 259 22.75 -1.90 12.18
N TRP A 260 21.52 -1.40 12.07
CA TRP A 260 20.79 -1.27 10.79
C TRP A 260 21.53 -0.47 9.73
N ARG A 261 22.29 0.50 10.18
CA ARG A 261 23.12 1.39 9.38
C ARG A 261 24.50 0.91 8.94
N LEU A 262 24.90 -0.27 9.42
CA LEU A 262 26.22 -0.90 9.16
C LEU A 262 26.17 -2.20 8.35
N MET A 263 25.06 -2.40 7.65
CA MET A 263 24.74 -3.58 6.82
C MET A 263 25.34 -3.63 5.39
N GLY A 264 26.12 -2.65 4.96
CA GLY A 264 26.74 -2.68 3.63
C GLY A 264 28.11 -3.39 3.54
N ASN A 265 28.61 -3.53 2.32
CA ASN A 265 29.94 -4.13 2.12
C ASN A 265 31.01 -3.04 1.85
N ASP A 266 30.93 -2.11 2.81
CA ASP A 266 31.67 -0.84 2.90
C ASP A 266 31.83 -0.34 4.36
N VAL A 267 31.65 -1.28 5.30
CA VAL A 267 31.82 -1.00 6.73
C VAL A 267 33.13 -1.68 7.17
N THR A 268 33.88 -0.93 7.96
CA THR A 268 35.20 -1.35 8.41
C THR A 268 35.10 -2.63 9.22
N ASP A 269 36.15 -3.45 9.18
CA ASP A 269 36.16 -4.70 9.94
C ASP A 269 36.02 -4.47 11.46
N GLU A 270 36.37 -3.29 11.99
CA GLU A 270 36.01 -2.92 13.38
C GLU A 270 34.47 -2.80 13.48
N GLN A 271 33.85 -1.96 12.63
CA GLN A 271 32.38 -1.85 12.50
C GLN A 271 31.63 -3.16 12.35
N ALA A 272 32.12 -4.02 11.48
CA ALA A 272 31.47 -5.32 11.32
C ALA A 272 31.44 -6.16 12.60
N LYS A 273 32.56 -6.27 13.30
CA LYS A 273 32.51 -7.04 14.55
C LYS A 273 31.65 -6.37 15.64
N TRP A 274 31.65 -5.02 15.70
CA TRP A 274 30.77 -4.29 16.64
C TRP A 274 29.29 -4.58 16.36
N ARG A 275 28.97 -4.45 15.07
CA ARG A 275 27.64 -4.68 14.52
C ARG A 275 27.12 -6.06 14.88
N ASP A 276 27.84 -7.10 14.47
CA ASP A 276 27.40 -8.47 14.74
C ASP A 276 27.24 -8.83 16.21
N ASP A 277 28.02 -8.17 17.06
CA ASP A 277 27.84 -8.24 18.51
C ASP A 277 26.44 -7.73 18.90
N ALA A 278 26.16 -6.46 18.59
CA ALA A 278 24.85 -5.88 18.83
C ALA A 278 23.75 -6.76 18.25
N ILE A 279 23.92 -7.33 17.08
CA ILE A 279 22.84 -8.12 16.48
C ILE A 279 22.66 -9.48 17.16
N MET A 280 23.75 -10.14 17.56
CA MET A 280 23.68 -11.39 18.33
C MET A 280 22.95 -11.10 19.68
N ARG A 281 23.13 -9.91 20.29
CA ARG A 281 22.41 -9.46 21.49
C ARG A 281 20.98 -8.89 21.31
N SER A 282 20.40 -8.94 20.12
CA SER A 282 19.12 -8.29 19.92
C SER A 282 17.86 -9.14 19.98
N GLN A 283 16.80 -8.55 20.52
CA GLN A 283 15.52 -9.23 20.55
C GLN A 283 14.71 -8.98 19.27
N SER A 284 15.20 -8.19 18.33
CA SER A 284 14.53 -7.88 17.04
C SER A 284 14.51 -8.86 15.83
N THR A 285 13.50 -9.70 15.59
CA THR A 285 13.39 -10.57 14.40
C THR A 285 13.73 -9.93 13.05
N SER A 286 13.46 -8.66 12.86
CA SER A 286 13.68 -7.92 11.59
C SER A 286 15.16 -7.66 11.34
N LEU A 287 15.85 -7.20 12.38
CA LEU A 287 17.27 -6.98 12.29
C LEU A 287 17.98 -8.32 12.05
N ILE A 288 17.62 -9.35 12.76
CA ILE A 288 18.26 -10.65 12.52
C ILE A 288 17.97 -11.11 11.08
N GLU A 289 16.73 -11.01 10.60
CA GLU A 289 16.38 -11.41 9.23
C GLU A 289 17.14 -10.58 8.16
N ARG A 290 17.42 -9.31 8.36
CA ARG A 290 18.20 -8.48 7.41
C ARG A 290 19.62 -9.03 7.35
N ARG A 291 20.09 -9.41 8.53
CA ARG A 291 21.40 -10.04 8.67
C ARG A 291 21.47 -11.40 7.93
N VAL A 292 20.42 -12.25 8.01
CA VAL A 292 20.42 -13.52 7.26
C VAL A 292 20.47 -13.16 5.80
N ARG A 293 19.65 -12.18 5.38
CA ARG A 293 19.60 -11.77 3.99
C ARG A 293 20.97 -11.30 3.58
N MET A 294 21.77 -10.61 4.41
CA MET A 294 23.18 -10.26 4.10
C MET A 294 24.07 -11.49 3.89
N ALA A 295 23.95 -12.55 4.68
CA ALA A 295 24.74 -13.76 4.44
C ALA A 295 24.42 -14.43 3.10
N LEU A 296 23.12 -14.49 2.82
CA LEU A 296 22.56 -14.96 1.53
C LEU A 296 23.06 -14.25 0.26
N GLY A 297 23.00 -12.92 0.14
CA GLY A 297 23.49 -12.20 -1.04
C GLY A 297 25.00 -12.03 -1.21
N THR A 298 25.75 -12.68 -0.33
CA THR A 298 27.23 -12.66 -0.22
C THR A 298 27.85 -14.03 -0.32
N GLY A 299 26.95 -15.00 -0.44
CA GLY A 299 27.34 -16.38 -0.52
C GLY A 299 27.97 -16.92 0.75
N ASP A 300 27.75 -16.33 1.90
CA ASP A 300 28.34 -16.81 3.14
C ASP A 300 27.62 -18.02 3.78
N ARG A 301 27.84 -19.26 3.28
CA ARG A 301 27.26 -20.48 3.86
C ARG A 301 27.36 -20.68 5.38
N ARG A 302 28.39 -20.16 6.04
CA ARG A 302 28.59 -20.28 7.48
C ARG A 302 27.76 -19.23 8.21
N GLY A 303 27.92 -17.93 7.89
CA GLY A 303 27.03 -16.88 8.37
C GLY A 303 25.57 -17.25 8.16
N LEU A 304 25.19 -17.90 7.06
CA LEU A 304 23.79 -18.30 6.86
C LEU A 304 23.36 -19.23 7.97
N ASN A 305 24.05 -20.36 8.17
CA ASN A 305 23.81 -21.32 9.28
C ASN A 305 23.71 -20.70 10.70
N THR A 306 24.69 -19.88 11.03
CA THR A 306 24.75 -19.14 12.27
C THR A 306 23.57 -18.22 12.52
N TRP A 307 23.34 -17.32 11.58
CA TRP A 307 22.27 -16.34 11.72
C TRP A 307 20.89 -16.96 11.55
N LEU A 308 20.76 -18.03 10.79
CA LEU A 308 19.44 -18.61 10.59
C LEU A 308 18.91 -19.20 11.89
N ALA A 309 19.87 -19.76 12.59
CA ALA A 309 19.66 -20.42 13.88
C ALA A 309 19.29 -19.42 14.97
N ARG A 310 19.87 -18.22 14.97
CA ARG A 310 19.40 -17.14 15.88
C ARG A 310 17.96 -16.65 15.64
N LEU A 311 17.24 -16.98 14.58
CA LEU A 311 15.88 -16.52 14.43
C LEU A 311 14.92 -17.13 15.49
N PRO A 312 13.97 -16.36 16.05
CA PRO A 312 12.90 -16.89 16.90
C PRO A 312 12.15 -18.02 16.23
N MET A 313 11.80 -19.00 17.05
CA MET A 313 11.04 -20.18 16.64
C MET A 313 9.84 -19.91 15.72
N GLU A 314 9.17 -18.81 15.99
CA GLU A 314 8.08 -18.31 15.15
C GLU A 314 8.57 -17.97 13.70
N ALA A 315 9.67 -17.22 13.60
CA ALA A 315 10.20 -16.78 12.32
C ALA A 315 10.63 -17.96 11.45
N LYS A 316 11.16 -19.00 12.08
CA LYS A 316 11.61 -20.20 11.36
C LYS A 316 10.52 -20.98 10.64
N GLU A 317 9.29 -20.59 10.94
CA GLU A 317 8.06 -21.16 10.34
C GLU A 317 7.73 -20.59 8.96
N LYS A 318 8.30 -19.41 8.68
CA LYS A 318 8.07 -18.73 7.43
C LYS A 318 8.64 -19.46 6.25
N ASP A 319 7.79 -19.82 5.31
CA ASP A 319 8.23 -20.39 4.03
C ASP A 319 9.66 -20.16 3.56
N GLU A 320 10.21 -18.93 3.56
CA GLU A 320 11.59 -18.70 3.09
C GLU A 320 12.62 -19.29 4.01
N TRP A 321 12.46 -19.05 5.30
CA TRP A 321 13.33 -19.65 6.31
C TRP A 321 13.17 -21.17 6.41
N ARG A 322 11.99 -21.73 6.31
CA ARG A 322 11.90 -23.18 6.16
C ARG A 322 12.65 -23.63 4.92
N TYR A 323 12.63 -22.92 3.80
CA TYR A 323 13.38 -23.32 2.59
C TYR A 323 14.90 -23.20 2.78
N TRP A 324 15.42 -22.13 3.36
CA TRP A 324 16.88 -22.07 3.57
C TRP A 324 17.39 -22.99 4.70
N GLN A 325 16.58 -23.49 5.67
CA GLN A 325 17.04 -24.57 6.57
C GLN A 325 17.23 -25.83 5.69
N ALA A 326 16.33 -26.26 4.79
CA ALA A 326 16.50 -27.45 3.97
C ALA A 326 17.59 -27.31 2.91
N ASP A 327 17.89 -26.06 2.61
CA ASP A 327 18.97 -25.76 1.72
C ASP A 327 20.30 -26.12 2.42
N LEU A 328 20.55 -25.59 3.61
CA LEU A 328 21.74 -25.92 4.40
C LEU A 328 21.83 -27.43 4.76
N LEU A 329 20.70 -28.06 5.12
CA LEU A 329 20.66 -29.49 5.46
C LEU A 329 21.10 -30.35 4.29
N LEU A 330 20.69 -29.95 3.09
CA LEU A 330 21.10 -30.67 1.88
C LEU A 330 22.63 -30.56 1.69
N GLU A 331 23.27 -29.41 2.00
CA GLU A 331 24.74 -29.29 1.87
C GLU A 331 25.49 -30.30 2.75
N ARG A 332 25.12 -30.31 4.03
CA ARG A 332 25.57 -31.23 5.09
C ARG A 332 25.22 -32.69 4.88
N GLY A 333 24.54 -33.08 3.80
CA GLY A 333 24.32 -34.49 3.51
C GLY A 333 23.09 -35.13 4.14
N ARG A 334 22.30 -34.33 4.83
CA ARG A 334 21.09 -34.76 5.51
C ARG A 334 19.90 -34.79 4.55
N GLU A 335 20.02 -35.54 3.47
CA GLU A 335 18.99 -35.56 2.42
C GLU A 335 17.55 -35.79 2.84
N ALA A 336 17.20 -36.79 3.62
CA ALA A 336 15.79 -37.08 3.98
C ALA A 336 15.11 -36.01 4.85
N GLU A 337 15.89 -35.46 5.76
CA GLU A 337 15.42 -34.42 6.64
C GLU A 337 15.05 -33.18 5.82
N ALA A 338 15.93 -32.82 4.89
CA ALA A 338 15.72 -31.70 3.98
C ALA A 338 14.56 -31.90 2.99
N LYS A 339 14.50 -33.03 2.32
CA LYS A 339 13.39 -33.28 1.41
C LYS A 339 12.05 -33.49 2.11
N GLU A 340 12.02 -33.67 3.43
CA GLU A 340 10.75 -33.66 4.13
C GLU A 340 10.35 -32.21 4.07
N ILE A 341 11.18 -31.25 4.51
CA ILE A 341 10.82 -29.83 4.48
C ILE A 341 10.39 -29.35 3.08
N LEU A 342 11.11 -29.60 1.99
CA LEU A 342 10.71 -29.24 0.62
C LEU A 342 9.44 -29.95 0.22
N HIS A 343 9.14 -31.20 0.55
CA HIS A 343 7.83 -31.79 0.23
C HIS A 343 6.65 -31.21 0.99
N GLN A 344 6.83 -30.77 2.22
CA GLN A 344 5.76 -30.08 2.95
C GLN A 344 5.51 -28.69 2.34
N LEU A 345 6.56 -27.88 2.07
CA LEU A 345 6.43 -26.57 1.44
C LEU A 345 5.70 -26.74 0.11
N MET A 346 5.96 -27.79 -0.65
CA MET A 346 5.30 -27.99 -1.94
C MET A 346 3.80 -28.18 -1.79
N GLN A 347 3.26 -28.24 -0.59
CA GLN A 347 1.82 -28.43 -0.41
C GLN A 347 1.01 -27.18 -0.24
N GLN A 348 1.75 -26.10 -0.23
CA GLN A 348 1.23 -24.76 -0.07
C GLN A 348 1.21 -24.04 -1.41
N ARG A 349 0.87 -22.75 -1.43
CA ARG A 349 0.72 -22.02 -2.68
C ARG A 349 1.80 -20.97 -2.84
N GLY A 350 2.32 -20.68 -4.05
CA GLY A 350 3.20 -19.52 -4.14
C GLY A 350 4.67 -19.68 -4.51
N PHE A 351 5.49 -18.67 -4.22
CA PHE A 351 6.88 -18.75 -4.68
C PHE A 351 7.65 -19.94 -4.09
N TYR A 352 7.92 -19.93 -2.79
CA TYR A 352 8.63 -21.07 -2.24
C TYR A 352 8.05 -22.44 -2.43
N PRO A 353 6.75 -22.71 -2.32
CA PRO A 353 6.18 -23.98 -2.79
C PRO A 353 6.62 -24.37 -4.19
N MET A 354 6.80 -23.41 -5.10
CA MET A 354 7.15 -23.72 -6.48
C MET A 354 8.65 -23.90 -6.66
N VAL A 355 9.46 -23.06 -5.97
CA VAL A 355 10.94 -23.17 -5.95
C VAL A 355 11.35 -24.55 -5.43
N ALA A 356 10.75 -25.01 -4.31
CA ALA A 356 10.92 -26.37 -3.76
C ALA A 356 10.59 -27.49 -4.76
N ALA A 357 9.49 -27.43 -5.52
CA ALA A 357 9.22 -28.53 -6.45
C ALA A 357 10.30 -28.56 -7.52
N GLN A 358 10.68 -27.37 -7.95
CA GLN A 358 11.74 -27.23 -8.95
C GLN A 358 13.10 -27.74 -8.41
N ARG A 359 13.45 -27.38 -7.19
CA ARG A 359 14.71 -27.78 -6.55
C ARG A 359 14.94 -29.30 -6.40
N ILE A 360 13.97 -30.07 -5.94
CA ILE A 360 14.10 -31.53 -5.82
C ILE A 360 13.64 -32.26 -7.06
N GLY A 361 13.37 -31.51 -8.12
CA GLY A 361 12.94 -32.08 -9.41
C GLY A 361 11.54 -32.69 -9.49
N GLU A 362 10.56 -32.35 -8.65
CA GLU A 362 9.22 -32.84 -8.91
C GLU A 362 8.29 -31.80 -9.53
N GLU A 363 7.25 -32.28 -10.17
CA GLU A 363 6.17 -31.46 -10.70
C GLU A 363 5.39 -30.78 -9.56
N TYR A 364 5.26 -29.47 -9.58
CA TYR A 364 4.38 -28.76 -8.64
C TYR A 364 2.92 -29.02 -9.02
N GLU A 365 2.10 -29.28 -8.02
CA GLU A 365 0.70 -29.50 -8.30
C GLU A 365 -0.15 -28.24 -8.08
N LEU A 366 -0.83 -27.73 -9.09
CA LEU A 366 -1.72 -26.57 -8.87
C LEU A 366 -3.05 -26.91 -8.18
N LYS A 367 -3.45 -26.25 -7.09
CA LYS A 367 -4.78 -26.53 -6.50
C LYS A 367 -5.76 -25.40 -6.84
N ILE A 368 -6.67 -25.78 -7.73
CA ILE A 368 -7.67 -24.83 -8.18
C ILE A 368 -9.05 -25.36 -7.90
N ASP A 369 -9.54 -24.62 -6.92
CA ASP A 369 -10.92 -24.65 -6.45
C ASP A 369 -11.94 -24.23 -7.50
N LYS A 370 -12.84 -25.19 -7.70
CA LYS A 370 -14.00 -24.98 -8.55
C LYS A 370 -14.97 -23.91 -7.97
N ALA A 371 -15.34 -22.92 -8.78
CA ALA A 371 -16.33 -21.88 -8.42
C ALA A 371 -17.75 -22.33 -8.80
N PRO A 372 -18.83 -21.87 -8.15
CA PRO A 372 -20.11 -22.58 -8.18
C PRO A 372 -20.79 -22.61 -9.56
N GLN A 373 -21.49 -23.68 -9.92
CA GLN A 373 -22.20 -23.71 -11.21
C GLN A 373 -23.44 -22.80 -11.29
N ASN A 374 -23.95 -22.35 -10.15
CA ASN A 374 -25.09 -21.45 -10.12
C ASN A 374 -24.72 -20.15 -9.44
N VAL A 375 -24.97 -19.04 -10.12
CA VAL A 375 -24.92 -17.76 -9.44
C VAL A 375 -26.36 -17.25 -9.53
N ASP A 376 -27.08 -17.62 -8.50
CA ASP A 376 -28.47 -17.23 -8.35
C ASP A 376 -28.78 -15.74 -8.13
N SER A 377 -29.99 -15.53 -8.61
CA SER A 377 -30.75 -14.29 -8.58
C SER A 377 -30.44 -13.26 -7.48
N ALA A 378 -30.95 -13.22 -6.24
CA ALA A 378 -30.68 -12.19 -5.20
C ALA A 378 -29.46 -11.29 -5.30
N LEU A 379 -28.27 -11.88 -5.45
CA LEU A 379 -27.01 -11.13 -5.65
C LEU A 379 -27.03 -10.33 -6.98
N THR A 380 -27.18 -11.23 -7.92
CA THR A 380 -27.25 -11.04 -9.36
C THR A 380 -28.47 -10.27 -9.84
N GLN A 381 -29.44 -10.07 -8.96
CA GLN A 381 -30.69 -9.39 -9.31
C GLN A 381 -30.93 -8.02 -8.67
N GLY A 382 -30.14 -7.57 -7.69
CA GLY A 382 -30.46 -6.27 -7.10
C GLY A 382 -30.42 -4.92 -7.90
N PRO A 383 -30.85 -3.87 -7.18
CA PRO A 383 -30.38 -2.50 -7.38
C PRO A 383 -28.87 -2.24 -7.47
N GLU A 384 -28.02 -2.66 -6.52
CA GLU A 384 -26.61 -2.28 -6.60
C GLU A 384 -25.91 -2.96 -7.77
N MET A 385 -26.30 -4.18 -8.07
CA MET A 385 -25.74 -4.89 -9.20
C MET A 385 -26.13 -4.22 -10.49
N ALA A 386 -27.27 -3.56 -10.59
CA ALA A 386 -27.64 -2.85 -11.85
C ALA A 386 -26.83 -1.57 -11.99
N ARG A 387 -26.53 -0.86 -10.90
CA ARG A 387 -25.59 0.28 -10.97
C ARG A 387 -24.19 -0.18 -11.38
N VAL A 388 -23.73 -1.34 -10.88
CA VAL A 388 -22.42 -1.92 -11.22
C VAL A 388 -22.47 -2.27 -12.69
N ARG A 389 -23.55 -2.82 -13.23
CA ARG A 389 -23.56 -3.18 -14.64
C ARG A 389 -23.34 -1.97 -15.57
N GLU A 390 -24.06 -0.90 -15.25
CA GLU A 390 -23.94 0.37 -15.96
C GLU A 390 -22.59 1.04 -15.77
N LEU A 391 -22.12 1.23 -14.56
CA LEU A 391 -20.82 1.85 -14.34
C LEU A 391 -19.71 1.14 -15.15
N MET A 392 -19.77 -0.20 -15.35
CA MET A 392 -18.75 -0.94 -16.13
C MET A 392 -18.92 -0.70 -17.63
N TYR A 393 -20.17 -0.66 -18.07
CA TYR A 393 -20.54 -0.26 -19.44
C TYR A 393 -19.93 1.07 -19.91
N TRP A 394 -19.82 1.99 -18.98
CA TRP A 394 -19.24 3.30 -19.23
C TRP A 394 -17.76 3.39 -18.88
N ASN A 395 -17.16 2.24 -18.61
CA ASN A 395 -15.78 2.11 -18.12
C ASN A 395 -15.44 2.99 -16.94
N LEU A 396 -16.36 3.06 -16.01
CA LEU A 396 -16.13 3.81 -14.82
C LEU A 396 -15.62 2.84 -13.74
N ASP A 397 -14.46 2.24 -13.99
CA ASP A 397 -13.85 1.23 -13.11
C ASP A 397 -13.59 1.60 -11.67
N ASN A 398 -13.01 2.73 -11.33
CA ASN A 398 -12.90 3.09 -9.90
C ASN A 398 -14.23 3.36 -9.21
N THR A 399 -15.27 3.80 -9.91
CA THR A 399 -16.59 4.01 -9.28
C THR A 399 -17.30 2.66 -9.12
N ALA A 400 -17.16 1.81 -10.13
CA ALA A 400 -17.69 0.47 -10.10
C ALA A 400 -17.06 -0.20 -8.89
N ARG A 401 -15.76 0.03 -8.66
CA ARG A 401 -15.01 -0.54 -7.52
C ARG A 401 -15.66 -0.33 -6.16
N SER A 402 -15.96 0.92 -5.86
CA SER A 402 -16.62 1.32 -4.60
C SER A 402 -18.00 0.74 -4.42
N GLU A 403 -18.70 0.57 -5.51
CA GLU A 403 -20.01 -0.02 -5.48
C GLU A 403 -19.85 -1.54 -5.25
N TRP A 404 -18.91 -2.21 -5.90
CA TRP A 404 -18.61 -3.64 -5.69
C TRP A 404 -18.13 -3.94 -4.24
N ALA A 405 -17.31 -3.08 -3.66
CA ALA A 405 -16.85 -3.21 -2.26
C ALA A 405 -18.03 -3.40 -1.30
N ASN A 406 -19.00 -2.47 -1.27
CA ASN A 406 -20.24 -2.59 -0.47
C ASN A 406 -20.98 -3.89 -0.79
N LEU A 407 -21.14 -4.20 -2.07
CA LEU A 407 -21.85 -5.40 -2.50
C LEU A 407 -21.19 -6.73 -2.11
N VAL A 408 -19.89 -6.94 -2.17
CA VAL A 408 -19.30 -8.25 -1.83
C VAL A 408 -18.99 -8.40 -0.32
N LYS A 409 -18.83 -7.25 0.33
CA LYS A 409 -18.45 -7.13 1.74
C LYS A 409 -19.22 -7.88 2.81
N SER A 410 -20.46 -8.35 2.76
CA SER A 410 -21.01 -9.05 3.95
C SER A 410 -21.67 -10.38 3.70
N LYS A 411 -21.27 -10.92 2.57
CA LYS A 411 -21.84 -12.17 2.14
C LYS A 411 -20.94 -13.34 2.55
N SER A 412 -21.52 -14.52 2.46
CA SER A 412 -20.77 -15.72 2.82
C SER A 412 -19.64 -16.08 1.86
N LYS A 413 -18.59 -16.82 2.23
CA LYS A 413 -17.59 -17.29 1.25
C LYS A 413 -18.18 -17.98 0.01
N THR A 414 -19.38 -18.55 0.08
CA THR A 414 -20.02 -19.11 -1.11
C THR A 414 -20.56 -18.05 -2.05
N GLU A 415 -21.19 -17.00 -1.54
CA GLU A 415 -21.77 -15.95 -2.39
C GLU A 415 -20.75 -15.01 -2.97
N GLN A 416 -19.67 -14.86 -2.21
CA GLN A 416 -18.52 -14.13 -2.71
C GLN A 416 -17.85 -14.98 -3.81
N ALA A 417 -18.08 -16.28 -3.79
CA ALA A 417 -17.55 -17.14 -4.83
C ALA A 417 -18.44 -17.08 -6.06
N GLN A 418 -19.75 -16.98 -5.84
CA GLN A 418 -20.69 -16.75 -6.94
C GLN A 418 -20.47 -15.36 -7.57
N LEU A 419 -20.41 -14.30 -6.76
CA LEU A 419 -20.09 -12.95 -7.20
C LEU A 419 -18.80 -12.83 -8.02
N ALA A 420 -17.74 -13.55 -7.62
CA ALA A 420 -16.50 -13.62 -8.43
C ALA A 420 -16.78 -14.26 -9.77
N ARG A 421 -17.46 -15.38 -9.76
CA ARG A 421 -17.73 -16.04 -11.01
C ARG A 421 -18.61 -15.23 -11.95
N TYR A 422 -19.61 -14.53 -11.41
CA TYR A 422 -20.55 -13.67 -12.16
C TYR A 422 -19.78 -12.58 -12.89
N ALA A 423 -19.02 -11.80 -12.12
CA ALA A 423 -18.11 -10.81 -12.69
C ALA A 423 -17.19 -11.47 -13.71
N PHE A 424 -16.62 -12.63 -13.38
CA PHE A 424 -15.73 -13.36 -14.29
C PHE A 424 -16.42 -13.63 -15.63
N ASN A 425 -17.66 -14.04 -15.56
CA ASN A 425 -18.47 -14.35 -16.74
C ASN A 425 -18.92 -13.11 -17.53
N ASN A 426 -19.01 -11.90 -16.95
CA ASN A 426 -19.33 -10.70 -17.74
C ASN A 426 -18.08 -9.96 -18.26
N GLN A 427 -16.91 -10.55 -18.06
CA GLN A 427 -15.59 -10.01 -18.37
C GLN A 427 -15.19 -8.75 -17.66
N TRP A 428 -15.71 -8.61 -16.44
CA TRP A 428 -15.35 -7.47 -15.59
C TRP A 428 -14.15 -7.95 -14.82
N TRP A 429 -13.05 -8.04 -15.53
CA TRP A 429 -11.87 -8.64 -14.93
C TRP A 429 -11.34 -8.07 -13.64
N ASP A 430 -11.29 -6.78 -13.46
CA ASP A 430 -10.87 -6.29 -12.13
C ASP A 430 -11.88 -6.58 -11.00
N LEU A 431 -13.16 -6.73 -11.30
CA LEU A 431 -14.14 -7.06 -10.29
C LEU A 431 -14.05 -8.50 -9.83
N SER A 432 -13.66 -9.40 -10.72
CA SER A 432 -13.34 -10.82 -10.41
C SER A 432 -12.20 -10.91 -9.38
N VAL A 433 -11.10 -10.16 -9.60
CA VAL A 433 -9.93 -10.18 -8.72
C VAL A 433 -10.32 -9.57 -7.39
N GLN A 434 -11.01 -8.45 -7.38
CA GLN A 434 -11.51 -7.84 -6.13
C GLN A 434 -12.39 -8.79 -5.30
N ALA A 435 -13.35 -9.53 -5.85
CA ALA A 435 -14.20 -10.43 -5.04
C ALA A 435 -13.40 -11.59 -4.41
N THR A 436 -12.37 -12.01 -5.13
CA THR A 436 -11.36 -13.01 -4.71
C THR A 436 -10.51 -12.56 -3.51
N ILE A 437 -10.10 -11.31 -3.54
CA ILE A 437 -9.32 -10.74 -2.46
C ILE A 437 -10.21 -10.58 -1.23
N ALA A 438 -11.34 -9.92 -1.48
CA ALA A 438 -12.37 -9.61 -0.49
C ALA A 438 -12.85 -10.86 0.23
N GLY A 439 -13.23 -11.88 -0.53
CA GLY A 439 -13.66 -13.14 0.02
C GLY A 439 -12.50 -14.12 0.27
N LYS A 440 -11.24 -13.66 0.23
CA LYS A 440 -10.04 -14.48 0.43
C LYS A 440 -10.06 -15.82 -0.30
N LEU A 441 -10.62 -15.85 -1.50
CA LEU A 441 -10.79 -17.10 -2.25
C LEU A 441 -9.54 -17.56 -3.03
N TRP A 442 -8.41 -17.57 -2.30
CA TRP A 442 -7.05 -17.80 -2.80
C TRP A 442 -6.69 -18.95 -3.70
N ASP A 443 -7.49 -19.99 -3.74
CA ASP A 443 -7.26 -21.12 -4.64
C ASP A 443 -8.34 -21.24 -5.71
N HIS A 444 -9.06 -20.13 -5.91
CA HIS A 444 -10.00 -19.95 -7.04
C HIS A 444 -9.12 -19.24 -8.11
N LEU A 445 -8.28 -20.02 -8.77
CA LEU A 445 -7.32 -19.45 -9.70
C LEU A 445 -7.82 -18.72 -10.97
N GLU A 446 -8.84 -19.26 -11.62
CA GLU A 446 -9.50 -18.63 -12.78
C GLU A 446 -9.95 -17.18 -12.62
N GLU A 447 -10.71 -16.97 -11.55
CA GLU A 447 -11.23 -15.66 -11.17
C GLU A 447 -10.19 -14.71 -10.57
N ARG A 448 -9.03 -15.19 -10.13
CA ARG A 448 -7.92 -14.36 -9.60
C ARG A 448 -6.94 -13.98 -10.70
N PHE A 449 -6.64 -14.85 -11.67
CA PHE A 449 -5.71 -14.57 -12.77
C PHE A 449 -6.54 -14.78 -14.01
N PRO A 450 -7.51 -13.86 -14.32
CA PRO A 450 -8.34 -14.02 -15.52
C PRO A 450 -7.50 -13.69 -16.78
N LEU A 451 -7.67 -14.23 -17.99
CA LEU A 451 -6.82 -13.85 -19.16
C LEU A 451 -7.29 -12.51 -19.72
N ALA A 452 -7.03 -11.40 -19.06
CA ALA A 452 -7.58 -10.12 -19.48
C ALA A 452 -6.83 -9.47 -20.63
N TYR A 453 -7.59 -8.80 -21.52
CA TYR A 453 -7.03 -8.10 -22.68
C TYR A 453 -6.13 -9.01 -23.56
N ASN A 454 -6.58 -10.24 -23.78
CA ASN A 454 -5.75 -11.23 -24.47
C ASN A 454 -5.29 -10.81 -25.84
N ASP A 455 -6.20 -10.46 -26.74
CA ASP A 455 -5.86 -10.02 -28.11
C ASP A 455 -4.89 -8.80 -28.10
N LEU A 456 -5.00 -7.85 -27.17
CA LEU A 456 -4.06 -6.75 -27.09
C LEU A 456 -2.70 -7.15 -26.57
N PHE A 457 -2.53 -8.13 -25.67
CA PHE A 457 -1.22 -8.52 -25.20
C PHE A 457 -0.57 -9.34 -26.25
N LYS A 458 -1.40 -10.12 -26.93
CA LYS A 458 -1.03 -10.91 -28.10
C LYS A 458 -0.37 -10.07 -29.18
N ARG A 459 -1.11 -9.07 -29.55
CA ARG A 459 -0.69 -8.15 -30.59
C ARG A 459 0.58 -7.41 -30.22
N TYR A 460 0.55 -6.83 -29.05
CA TYR A 460 1.69 -6.02 -28.61
C TYR A 460 2.94 -6.77 -28.08
N THR A 461 2.86 -8.10 -28.04
CA THR A 461 4.06 -8.85 -27.68
C THR A 461 4.40 -9.79 -28.82
N SER A 462 3.70 -9.77 -29.96
CA SER A 462 4.12 -10.52 -31.16
C SER A 462 5.47 -10.14 -31.78
N GLY A 463 5.83 -8.86 -31.92
CA GLY A 463 7.16 -8.57 -32.46
C GLY A 463 8.24 -8.30 -31.40
N LYS A 464 8.00 -8.85 -30.21
CA LYS A 464 8.84 -8.64 -29.06
C LYS A 464 9.40 -9.97 -28.51
N GLU A 465 10.50 -9.97 -27.76
CA GLU A 465 11.00 -11.25 -27.22
C GLU A 465 10.34 -11.68 -25.89
N ILE A 466 9.83 -10.72 -25.09
CA ILE A 466 9.12 -10.96 -23.83
C ILE A 466 7.91 -11.85 -24.01
N PRO A 467 7.78 -12.99 -23.31
CA PRO A 467 6.59 -13.82 -23.50
C PRO A 467 5.34 -13.07 -23.12
N GLN A 468 4.28 -13.42 -23.79
CA GLN A 468 2.96 -12.85 -23.46
C GLN A 468 2.59 -13.01 -21.95
N SER A 469 2.64 -14.22 -21.38
CA SER A 469 2.31 -14.53 -19.97
C SER A 469 3.08 -13.69 -18.97
N TYR A 470 4.33 -13.42 -19.28
CA TYR A 470 5.14 -12.53 -18.43
C TYR A 470 4.62 -11.09 -18.50
N ALA A 471 4.15 -10.66 -19.67
CA ALA A 471 3.48 -9.34 -19.80
C ALA A 471 2.16 -9.30 -18.97
N MET A 472 1.24 -10.25 -19.12
CA MET A 472 0.02 -10.30 -18.31
C MET A 472 0.32 -10.48 -16.81
N ALA A 473 1.36 -11.22 -16.41
CA ALA A 473 1.89 -11.30 -15.06
C ALA A 473 2.27 -9.92 -14.55
N ILE A 474 3.02 -9.07 -15.23
CA ILE A 474 3.35 -7.69 -14.79
C ILE A 474 2.08 -6.82 -14.56
N ALA A 475 1.16 -6.82 -15.53
CA ALA A 475 -0.12 -6.11 -15.45
C ALA A 475 -0.96 -6.60 -14.26
N ARG A 476 -1.09 -7.93 -14.11
CA ARG A 476 -1.80 -8.58 -12.98
C ARG A 476 -1.29 -8.12 -11.62
N GLN A 477 -0.01 -8.12 -11.40
CA GLN A 477 0.58 -7.63 -10.19
C GLN A 477 0.45 -6.11 -10.02
N GLU A 478 0.63 -5.36 -11.09
CA GLU A 478 0.67 -3.90 -10.95
C GLU A 478 -0.66 -3.26 -10.62
N SER A 479 -1.66 -3.69 -11.33
CA SER A 479 -2.96 -3.06 -11.25
C SER A 479 -4.08 -4.03 -10.93
N ALA A 480 -3.84 -5.34 -10.80
CA ALA A 480 -4.92 -6.26 -10.53
C ALA A 480 -6.11 -6.07 -11.49
N TRP A 481 -5.71 -5.75 -12.71
CA TRP A 481 -6.56 -5.50 -13.88
C TRP A 481 -7.58 -4.35 -13.97
N ASN A 482 -7.29 -3.31 -13.23
CA ASN A 482 -8.08 -2.09 -13.32
C ASN A 482 -7.37 -1.04 -14.15
N PRO A 483 -7.92 -0.77 -15.34
CA PRO A 483 -7.44 0.23 -16.30
C PRO A 483 -7.20 1.61 -15.78
N LYS A 484 -7.92 1.98 -14.74
CA LYS A 484 -7.89 3.37 -14.29
C LYS A 484 -7.17 3.63 -12.98
N VAL A 485 -6.48 2.63 -12.44
CA VAL A 485 -5.72 2.87 -11.22
C VAL A 485 -4.66 3.92 -11.40
N LYS A 486 -4.48 4.73 -10.40
CA LYS A 486 -3.35 5.62 -10.37
C LYS A 486 -2.64 5.49 -9.03
N SER A 487 -1.38 5.10 -8.96
CA SER A 487 -0.61 4.99 -7.70
C SER A 487 -0.46 6.30 -6.94
N PRO A 488 -0.17 6.27 -5.64
CA PRO A 488 0.18 7.45 -4.82
C PRO A 488 1.07 8.47 -5.50
N VAL A 489 2.19 7.91 -5.97
CA VAL A 489 3.28 8.67 -6.59
C VAL A 489 3.19 8.91 -8.12
N GLY A 490 2.04 8.75 -8.75
CA GLY A 490 1.90 9.04 -10.17
C GLY A 490 1.86 7.85 -11.10
N ALA A 491 2.02 6.58 -10.72
CA ALA A 491 2.03 5.52 -11.75
C ALA A 491 0.65 5.20 -12.32
N SER A 492 0.52 5.23 -13.64
CA SER A 492 -0.79 5.06 -14.23
C SER A 492 -1.11 3.82 -14.98
N GLY A 493 -2.29 3.37 -14.70
CA GLY A 493 -2.90 2.36 -15.54
C GLY A 493 -2.60 0.90 -15.37
N LEU A 494 -3.01 0.16 -16.39
CA LEU A 494 -2.87 -1.30 -16.49
C LEU A 494 -1.47 -1.87 -16.13
N MET A 495 -0.37 -1.28 -16.58
CA MET A 495 0.98 -1.66 -16.23
C MET A 495 1.68 -0.62 -15.37
N GLN A 496 0.93 0.30 -14.81
CA GLN A 496 1.47 1.28 -13.89
C GLN A 496 2.76 1.96 -14.26
N ILE A 497 2.68 2.56 -15.43
CA ILE A 497 3.74 3.30 -16.12
C ILE A 497 3.89 4.69 -15.54
N MET A 498 5.06 5.04 -15.08
CA MET A 498 5.27 6.38 -14.59
C MET A 498 5.28 7.38 -15.76
N PRO A 499 4.76 8.61 -15.66
CA PRO A 499 4.82 9.64 -16.70
C PRO A 499 6.21 9.85 -17.30
N GLY A 500 7.19 10.06 -16.41
CA GLY A 500 8.59 10.26 -16.79
C GLY A 500 9.13 9.11 -17.61
N THR A 501 8.83 7.86 -17.24
CA THR A 501 9.12 6.63 -18.01
C THR A 501 8.38 6.56 -19.34
N ALA A 502 7.12 7.01 -19.41
CA ALA A 502 6.29 6.97 -20.64
C ALA A 502 6.90 7.90 -21.70
N THR A 503 7.36 9.04 -21.20
CA THR A 503 8.06 10.03 -22.02
C THR A 503 9.33 9.45 -22.57
N HIS A 504 10.32 9.05 -21.75
CA HIS A 504 11.54 8.43 -22.30
C HIS A 504 11.24 7.19 -23.19
N THR A 505 10.32 6.29 -22.86
CA THR A 505 9.98 5.11 -23.71
C THR A 505 9.39 5.41 -25.10
N VAL A 506 8.56 6.43 -25.20
CA VAL A 506 7.95 6.78 -26.47
C VAL A 506 9.07 7.43 -27.31
N LYS A 507 10.04 8.12 -26.72
CA LYS A 507 11.22 8.60 -27.45
C LYS A 507 12.27 7.56 -27.88
N MET A 508 12.66 6.60 -27.06
CA MET A 508 13.65 5.60 -27.47
C MET A 508 13.13 4.74 -28.63
N PHE A 509 11.91 4.38 -28.47
CA PHE A 509 11.30 3.43 -29.38
C PHE A 509 10.52 4.05 -30.54
N SER A 510 10.52 5.39 -30.57
CA SER A 510 9.81 6.27 -31.52
C SER A 510 8.34 5.99 -31.83
N ILE A 511 7.55 5.90 -30.75
CA ILE A 511 6.11 5.63 -30.72
C ILE A 511 5.24 6.86 -31.05
N PRO A 512 4.33 6.80 -32.05
CA PRO A 512 3.47 7.91 -32.47
C PRO A 512 2.19 8.18 -31.68
N GLY A 513 1.92 9.47 -31.48
CA GLY A 513 0.69 9.91 -30.83
C GLY A 513 0.46 9.56 -29.35
N TYR A 514 1.35 10.08 -28.55
CA TYR A 514 1.20 10.00 -27.11
C TYR A 514 1.56 11.41 -26.74
N SER A 515 0.54 12.21 -26.54
CA SER A 515 0.79 13.60 -26.13
C SER A 515 0.76 13.72 -24.60
N SER A 516 -0.29 13.29 -23.91
CA SER A 516 -0.40 13.52 -22.47
C SER A 516 -0.63 12.32 -21.55
N PRO A 517 -0.29 12.41 -20.23
CA PRO A 517 -0.31 11.29 -19.25
C PRO A 517 -1.65 10.58 -19.11
N GLY A 518 -2.70 11.32 -19.33
CA GLY A 518 -4.02 10.75 -19.27
C GLY A 518 -4.21 9.62 -20.25
N GLN A 519 -3.40 9.59 -21.30
CA GLN A 519 -3.54 8.49 -22.26
C GLN A 519 -3.11 7.15 -21.68
N LEU A 520 -2.42 7.23 -20.55
CA LEU A 520 -2.01 6.01 -19.87
C LEU A 520 -3.22 5.26 -19.29
N LEU A 521 -4.42 5.88 -19.19
CA LEU A 521 -5.65 5.19 -18.75
C LEU A 521 -6.42 4.49 -19.88
N ASP A 522 -5.89 4.58 -21.07
CA ASP A 522 -6.48 3.79 -22.13
C ASP A 522 -5.79 2.40 -22.10
N PRO A 523 -6.51 1.27 -22.05
CA PRO A 523 -5.89 -0.06 -22.15
C PRO A 523 -4.87 -0.13 -23.25
N GLU A 524 -5.21 0.01 -24.52
CA GLU A 524 -4.22 -0.13 -25.60
C GLU A 524 -3.01 0.79 -25.57
N THR A 525 -3.12 2.03 -25.10
CA THR A 525 -1.94 2.90 -25.04
C THR A 525 -1.03 2.47 -23.92
N ASN A 526 -1.63 2.09 -22.81
CA ASN A 526 -0.85 1.61 -21.68
C ASN A 526 -0.13 0.29 -22.03
N ILE A 527 -0.82 -0.66 -22.66
CA ILE A 527 -0.18 -1.91 -23.07
C ILE A 527 0.93 -1.66 -24.11
N ASN A 528 0.84 -0.65 -24.96
CA ASN A 528 1.88 -0.39 -25.90
C ASN A 528 3.06 0.29 -25.20
N ILE A 529 3.01 1.46 -24.56
CA ILE A 529 4.18 2.04 -23.88
C ILE A 529 4.76 0.99 -22.89
N GLY A 530 3.95 0.19 -22.19
CA GLY A 530 4.37 -0.72 -21.13
C GLY A 530 5.14 -1.92 -21.59
N THR A 531 4.60 -2.67 -22.53
CA THR A 531 5.33 -3.79 -23.13
C THR A 531 6.60 -3.27 -23.84
N SER A 532 6.62 -2.02 -24.28
CA SER A 532 7.82 -1.44 -24.82
C SER A 532 8.84 -1.24 -23.71
N TYR A 533 8.51 -0.63 -22.58
CA TYR A 533 9.45 -0.54 -21.43
C TYR A 533 9.88 -1.91 -20.85
N LEU A 534 9.00 -2.89 -20.75
CA LEU A 534 9.38 -4.23 -20.32
C LEU A 534 10.32 -4.94 -21.31
N GLN A 535 10.20 -4.85 -22.63
CA GLN A 535 11.17 -5.42 -23.60
C GLN A 535 12.50 -4.70 -23.55
N TYR A 536 12.48 -3.41 -23.30
CA TYR A 536 13.70 -2.68 -23.14
C TYR A 536 14.50 -3.21 -21.96
N VAL A 537 13.84 -3.30 -20.80
CA VAL A 537 14.38 -3.82 -19.51
C VAL A 537 14.78 -5.33 -19.58
N TYR A 538 14.03 -6.17 -20.27
CA TYR A 538 14.34 -7.57 -20.48
C TYR A 538 15.62 -7.76 -21.29
N GLN A 539 15.69 -7.16 -22.47
CA GLN A 539 16.86 -7.35 -23.32
C GLN A 539 18.16 -6.78 -22.71
N GLN A 540 18.20 -5.64 -22.02
CA GLN A 540 19.46 -5.19 -21.44
C GLN A 540 19.87 -6.03 -20.23
N PHE A 541 19.05 -6.95 -19.74
CA PHE A 541 19.42 -7.85 -18.64
C PHE A 541 19.38 -9.33 -19.10
N GLY A 542 19.78 -9.46 -20.37
CA GLY A 542 19.97 -10.77 -20.97
C GLY A 542 18.79 -11.70 -20.97
N ASN A 543 17.60 -11.13 -21.11
CA ASN A 543 16.39 -11.88 -21.16
C ASN A 543 16.13 -12.69 -19.90
N ASN A 544 16.54 -12.17 -18.75
CA ASN A 544 16.25 -12.82 -17.49
C ASN A 544 15.12 -12.13 -16.75
N ARG A 545 14.04 -12.88 -16.50
CA ARG A 545 12.86 -12.35 -15.81
C ARG A 545 13.03 -11.95 -14.34
N ILE A 546 14.11 -12.32 -13.64
CA ILE A 546 14.40 -11.85 -12.26
C ILE A 546 14.92 -10.44 -12.41
N PHE A 547 15.90 -10.25 -13.27
CA PHE A 547 16.47 -8.91 -13.49
C PHE A 547 15.47 -7.96 -14.16
N SER A 548 14.71 -8.35 -15.19
CA SER A 548 13.71 -7.45 -15.78
C SER A 548 12.56 -7.07 -14.85
N SER A 549 11.98 -8.00 -14.09
CA SER A 549 10.96 -7.63 -13.10
C SER A 549 11.46 -6.66 -12.01
N ALA A 550 12.60 -6.91 -11.35
CA ALA A 550 13.07 -5.94 -10.34
C ALA A 550 13.47 -4.58 -10.96
N ALA A 551 13.95 -4.60 -12.22
CA ALA A 551 14.31 -3.40 -13.00
C ALA A 551 13.06 -2.58 -13.38
N TYR A 552 11.96 -3.18 -13.82
CA TYR A 552 10.71 -2.45 -14.09
C TYR A 552 10.15 -1.72 -12.85
N ASN A 553 10.23 -2.32 -11.68
CA ASN A 553 9.77 -1.72 -10.41
C ASN A 553 10.69 -0.70 -9.68
N ALA A 554 11.99 -0.97 -9.75
CA ALA A 554 12.95 -0.13 -9.03
C ALA A 554 13.94 0.60 -9.92
N GLY A 555 13.98 0.13 -11.15
CA GLY A 555 14.84 0.70 -12.14
C GLY A 555 16.13 -0.06 -12.32
N LEU A 556 16.44 -0.17 -13.58
CA LEU A 556 17.72 -0.63 -14.10
C LEU A 556 19.00 -0.57 -13.24
N GLY A 557 19.20 0.66 -12.76
CA GLY A 557 20.36 1.06 -11.99
C GLY A 557 20.48 0.45 -10.61
N ARG A 558 19.36 0.38 -9.88
CA ARG A 558 19.31 -0.23 -8.56
C ARG A 558 19.59 -1.69 -8.76
N VAL A 559 19.05 -2.33 -9.79
CA VAL A 559 19.36 -3.74 -10.03
C VAL A 559 20.84 -3.92 -10.33
N ARG A 560 21.41 -3.02 -11.13
CA ARG A 560 22.81 -3.11 -11.50
C ARG A 560 23.73 -3.05 -10.28
N THR A 561 23.44 -2.18 -9.33
CA THR A 561 24.10 -2.19 -8.02
C THR A 561 23.90 -3.50 -7.27
N TRP A 562 22.69 -4.04 -7.15
CA TRP A 562 22.49 -5.33 -6.50
C TRP A 562 23.36 -6.38 -7.23
N LEU A 563 23.40 -6.53 -8.57
CA LEU A 563 24.38 -7.43 -9.21
C LEU A 563 25.87 -7.17 -8.83
N GLY A 564 26.18 -5.94 -8.44
CA GLY A 564 27.53 -5.59 -8.01
C GLY A 564 27.96 -6.12 -6.64
N ASN A 565 27.03 -6.16 -5.70
CA ASN A 565 27.24 -6.72 -4.37
C ASN A 565 27.41 -8.26 -4.42
N SER A 566 26.47 -9.00 -4.95
CA SER A 566 26.57 -10.46 -4.99
C SER A 566 27.72 -11.01 -5.81
N ALA A 567 27.96 -10.37 -6.95
CA ALA A 567 29.08 -10.61 -7.84
C ALA A 567 29.34 -12.01 -8.36
N GLY A 568 28.40 -12.76 -8.87
CA GLY A 568 28.65 -14.13 -9.39
C GLY A 568 28.67 -15.22 -8.32
N ARG A 569 28.60 -14.78 -7.09
CA ARG A 569 28.68 -15.66 -5.95
C ARG A 569 27.47 -16.54 -5.63
N ILE A 570 26.24 -16.13 -5.94
CA ILE A 570 25.06 -16.85 -5.47
C ILE A 570 24.15 -17.41 -6.54
N ASP A 571 23.08 -18.09 -6.14
CA ASP A 571 22.09 -18.71 -7.04
C ASP A 571 20.86 -17.81 -7.26
N ALA A 572 20.01 -18.07 -8.28
CA ALA A 572 18.79 -17.29 -8.54
C ALA A 572 17.93 -16.94 -7.30
N VAL A 573 17.48 -17.97 -6.55
CA VAL A 573 16.62 -17.83 -5.35
C VAL A 573 17.29 -16.97 -4.31
N ALA A 574 18.57 -17.15 -4.08
CA ALA A 574 19.27 -16.32 -3.09
C ALA A 574 19.46 -14.90 -3.57
N PHE A 575 19.57 -14.69 -4.87
CA PHE A 575 19.54 -13.33 -5.40
C PHE A 575 18.15 -12.71 -5.15
N VAL A 576 17.05 -13.40 -5.50
CA VAL A 576 15.70 -12.89 -5.20
C VAL A 576 15.50 -12.57 -3.69
N GLU A 577 15.60 -13.56 -2.83
CA GLU A 577 15.50 -13.44 -1.39
C GLU A 577 16.43 -12.49 -0.68
N SER A 578 17.52 -12.08 -1.25
CA SER A 578 18.37 -11.08 -0.60
C SER A 578 18.23 -9.65 -1.13
N ILE A 579 17.26 -9.32 -2.00
CA ILE A 579 17.05 -7.96 -2.55
C ILE A 579 16.82 -6.99 -1.39
N PRO A 580 17.59 -5.95 -1.11
CA PRO A 580 17.46 -5.18 0.12
C PRO A 580 16.18 -4.40 0.20
N PHE A 581 15.32 -4.40 -0.82
CA PHE A 581 14.05 -3.66 -0.80
C PHE A 581 12.88 -4.60 -0.73
N SER A 582 12.18 -4.44 0.36
CA SER A 582 10.95 -5.18 0.66
C SER A 582 9.92 -5.19 -0.47
N GLU A 583 9.66 -4.05 -1.12
CA GLU A 583 8.65 -3.97 -2.18
C GLU A 583 9.04 -4.73 -3.44
N THR A 584 10.30 -4.52 -3.82
CA THR A 584 10.87 -5.15 -5.01
C THR A 584 11.12 -6.65 -4.78
N ARG A 585 11.41 -7.02 -3.53
CA ARG A 585 11.57 -8.45 -3.18
C ARG A 585 10.26 -9.17 -3.30
N GLY A 586 9.22 -8.56 -2.70
CA GLY A 586 7.86 -9.11 -2.79
C GLY A 586 7.36 -9.18 -4.23
N TYR A 587 7.70 -8.12 -5.00
CA TYR A 587 7.38 -7.98 -6.41
C TYR A 587 7.92 -9.08 -7.30
N VAL A 588 9.22 -9.40 -7.20
CA VAL A 588 9.78 -10.45 -8.09
C VAL A 588 9.12 -11.77 -7.71
N LYS A 589 8.83 -12.00 -6.42
CA LYS A 589 8.21 -13.25 -5.99
C LYS A 589 6.82 -13.42 -6.54
N ASN A 590 6.00 -12.35 -6.57
CA ASN A 590 4.66 -12.51 -7.18
C ASN A 590 4.63 -12.55 -8.69
N VAL A 591 5.44 -11.72 -9.39
CA VAL A 591 5.46 -11.78 -10.86
C VAL A 591 5.95 -13.15 -11.38
N LEU A 592 7.00 -13.77 -10.82
CA LEU A 592 7.44 -15.14 -11.20
C LEU A 592 6.39 -16.25 -11.02
N ALA A 593 5.65 -16.26 -9.90
CA ALA A 593 4.55 -17.18 -9.62
C ALA A 593 3.36 -16.90 -10.50
N TYR A 594 2.97 -15.61 -10.66
CA TYR A 594 1.81 -15.30 -11.51
C TYR A 594 1.99 -15.67 -12.98
N ASP A 595 3.20 -15.44 -13.45
CA ASP A 595 3.65 -15.92 -14.76
C ASP A 595 3.47 -17.45 -14.90
N ALA A 596 3.75 -18.24 -13.85
CA ALA A 596 3.47 -19.69 -13.88
C ALA A 596 1.96 -19.99 -14.02
N TYR A 597 1.06 -19.28 -13.34
CA TYR A 597 -0.39 -19.51 -13.50
C TYR A 597 -0.87 -19.04 -14.86
N TYR A 598 -0.41 -17.93 -15.45
CA TYR A 598 -0.90 -17.65 -16.81
C TYR A 598 -0.39 -18.72 -17.77
N ARG A 599 0.87 -19.22 -17.67
CA ARG A 599 1.33 -20.27 -18.59
C ARG A 599 0.53 -21.52 -18.52
N TYR A 600 0.11 -21.84 -17.30
CA TYR A 600 -0.73 -22.99 -17.05
C TYR A 600 -2.05 -22.83 -17.77
N PHE A 601 -2.70 -21.66 -17.67
CA PHE A 601 -4.00 -21.44 -18.29
C PHE A 601 -3.91 -21.35 -19.81
N MET A 602 -2.76 -20.93 -20.31
CA MET A 602 -2.45 -20.93 -21.76
C MET A 602 -1.94 -22.25 -22.30
N GLY A 603 -1.97 -23.28 -21.44
CA GLY A 603 -1.58 -24.65 -21.80
C GLY A 603 -0.11 -25.05 -21.75
N ASP A 604 0.86 -24.20 -21.44
CA ASP A 604 2.27 -24.61 -21.40
C ASP A 604 2.65 -25.03 -19.98
N LYS A 605 3.85 -25.53 -19.79
CA LYS A 605 4.23 -26.10 -18.49
C LYS A 605 4.54 -25.05 -17.46
N PRO A 606 3.88 -25.07 -16.32
CA PRO A 606 3.97 -24.00 -15.30
C PRO A 606 5.24 -23.98 -14.42
N THR A 607 6.39 -24.22 -15.02
CA THR A 607 7.62 -24.30 -14.22
C THR A 607 8.10 -22.93 -13.68
N LEU A 608 8.48 -22.70 -12.44
CA LEU A 608 8.83 -21.34 -11.99
C LEU A 608 9.96 -20.59 -12.71
N MET A 609 11.10 -21.22 -12.98
CA MET A 609 12.24 -20.58 -13.62
C MET A 609 12.84 -21.29 -14.81
N SER A 610 13.23 -20.55 -15.84
CA SER A 610 13.92 -21.20 -16.95
C SER A 610 15.28 -21.79 -16.56
N ALA A 611 15.69 -22.76 -17.35
CA ALA A 611 16.98 -23.40 -17.19
C ALA A 611 18.12 -22.39 -17.20
N THR A 612 18.11 -21.36 -18.04
CA THR A 612 19.18 -20.36 -18.03
C THR A 612 19.05 -19.40 -16.83
N GLU A 613 17.87 -19.28 -16.25
CA GLU A 613 17.69 -18.45 -15.07
C GLU A 613 18.17 -19.17 -13.83
N TRP A 614 17.86 -20.47 -13.74
CA TRP A 614 18.18 -21.37 -12.64
C TRP A 614 19.69 -21.81 -12.54
N GLY A 615 20.32 -21.91 -13.72
CA GLY A 615 21.74 -22.23 -13.81
C GLY A 615 22.72 -21.07 -13.73
N ARG A 616 22.34 -19.87 -14.11
CA ARG A 616 23.19 -18.69 -14.00
C ARG A 616 23.68 -18.51 -12.55
N ARG A 617 24.75 -17.75 -12.35
CA ARG A 617 25.15 -17.37 -11.01
C ARG A 617 24.98 -15.87 -10.94
N TYR A 618 24.72 -15.35 -9.77
CA TYR A 618 24.29 -13.99 -9.54
C TYR A 618 25.26 -13.24 -8.63
#